data_2X61
#
_entry.id   2X61
#
_cell.length_a   117.665
_cell.length_b   117.665
_cell.length_c   46.604
_cell.angle_alpha   90.00
_cell.angle_beta   90.00
_cell.angle_gamma   90.00
#
_symmetry.space_group_name_H-M   'P 4'
#
loop_
_entity.id
_entity.type
_entity.pdbx_description
1 polymer ALPHA-2,3-/2,8-SIALYLTRANSFERASE
2 branched 'N-acetyl-alpha-neuraminic acid-(2-3)-beta-D-galactopyranose-(1-3)-2-acetamido-2-deoxy-beta-D-galactopyranose'
3 non-polymer 'ACETATE ION'
4 non-polymer (4S)-2-METHYL-2,4-PENTANEDIOL
5 non-polymer "N3-PROTONATED CYTIDINE-5'-MONOPHOSPHATE"
6 non-polymer 1,2-ETHANEDIOL
7 water water
#
_entity_poly.entity_id   1
_entity_poly.type   'polypeptide(L)'
_entity_poly.pdbx_seq_one_letter_code
;MKKVIIAGNGPSLKEIDYSRLPNDFDVFRCNQFYFEDKYYLGKKCKAVFYNPSLFFEQYYTLKHLIQNQEYETELIMCSN
YNQAHLENENFVKTFYDYFPDAHLGYDFFKQLKDFNAYFKFHEIYFNQRITSGVYMCAVAIALGYKEIYLSGIDFYQNGS
SYAFDTKQKNLLKLAPNFKNDNSHYIGHSKNTDIKALEFLEKTYKIKLYCLCPNSLLANFIGLAPNLNSNFIIQEKNNYT
KDILIPSSEAYGKFSKNI
;
_entity_poly.pdbx_strand_id   A,B
#
loop_
_chem_comp.id
_chem_comp.type
_chem_comp.name
_chem_comp.formula
ACT non-polymer 'ACETATE ION' 'C2 H3 O2 -1'
CH RNA linking 'N3-PROTONATED CYTIDINE-5'-MONOPHOSPHATE' 'C9 H15 N3 O8 P 1'
EDO non-polymer 1,2-ETHANEDIOL 'C2 H6 O2'
GAL D-saccharide, beta linking beta-D-galactopyranose 'C6 H12 O6'
MPD non-polymer (4S)-2-METHYL-2,4-PENTANEDIOL 'C6 H14 O2'
NGA D-saccharide, beta linking 2-acetamido-2-deoxy-beta-D-galactopyranose 'C8 H15 N O6'
SIA D-saccharide, alpha linking 'N-acetyl-alpha-neuraminic acid' 'C11 H19 N O9'
#
# COMPACT_ATOMS: atom_id res chain seq x y z
N LYS A 2 31.77 -7.97 -6.35
CA LYS A 2 30.75 -8.42 -5.34
C LYS A 2 29.34 -7.98 -5.78
N LYS A 3 28.36 -8.17 -4.89
CA LYS A 3 26.95 -8.18 -5.26
C LYS A 3 26.22 -7.00 -4.62
N VAL A 4 25.32 -6.36 -5.37
CA VAL A 4 24.57 -5.23 -4.86
C VAL A 4 23.09 -5.29 -5.27
N ILE A 5 22.22 -4.90 -4.34
CA ILE A 5 20.80 -4.72 -4.64
C ILE A 5 20.51 -3.23 -4.80
N ILE A 6 20.00 -2.84 -5.96
CA ILE A 6 19.68 -1.45 -6.21
C ILE A 6 18.16 -1.26 -6.20
N ALA A 7 17.69 -0.35 -5.35
CA ALA A 7 16.26 -0.16 -5.18
C ALA A 7 15.74 1.23 -5.56
N GLY A 8 14.82 1.26 -6.52
CA GLY A 8 13.97 2.42 -6.72
C GLY A 8 12.82 2.37 -5.73
N ASN A 9 11.88 3.31 -5.84
CA ASN A 9 10.79 3.40 -4.87
C ASN A 9 9.39 3.14 -5.47
N GLY A 10 9.38 2.48 -6.64
CA GLY A 10 8.14 2.08 -7.29
C GLY A 10 7.42 1.04 -6.46
N PRO A 11 6.15 0.78 -6.78
CA PRO A 11 5.30 -0.18 -6.07
C PRO A 11 5.91 -1.59 -5.95
N SER A 12 6.76 -1.98 -6.90
CA SER A 12 7.35 -3.33 -6.85
C SER A 12 8.31 -3.55 -5.66
N LEU A 13 8.74 -2.45 -5.03
CA LEU A 13 9.51 -2.58 -3.79
C LEU A 13 8.79 -3.46 -2.76
N LYS A 14 7.47 -3.45 -2.80
CA LYS A 14 6.63 -4.24 -1.89
C LYS A 14 6.39 -5.67 -2.38
N GLU A 15 6.98 -6.05 -3.50
CA GLU A 15 6.68 -7.35 -4.08
C GLU A 15 7.94 -8.05 -4.53
N ILE A 16 8.98 -7.96 -3.72
CA ILE A 16 10.20 -8.70 -3.96
C ILE A 16 9.97 -10.19 -3.65
N ASP A 17 10.51 -11.06 -4.51
CA ASP A 17 10.52 -12.49 -4.28
C ASP A 17 11.78 -12.83 -3.47
N TYR A 18 11.65 -12.92 -2.15
CA TYR A 18 12.81 -13.03 -1.28
C TYR A 18 13.57 -14.35 -1.40
N SER A 19 12.99 -15.36 -2.05
CA SER A 19 13.74 -16.61 -2.25
C SER A 19 14.87 -16.42 -3.28
N ARG A 20 14.81 -15.30 -4.00
CA ARG A 20 15.79 -15.00 -5.04
C ARG A 20 16.88 -14.01 -4.58
N LEU A 21 16.87 -13.63 -3.30
CA LEU A 21 17.94 -12.80 -2.76
C LEU A 21 19.26 -13.55 -2.85
N PRO A 22 20.33 -12.86 -3.24
CA PRO A 22 21.67 -13.46 -3.30
C PRO A 22 22.21 -13.81 -1.91
N ASN A 23 23.25 -14.64 -1.87
CA ASN A 23 23.75 -15.18 -0.61
C ASN A 23 24.36 -14.11 0.30
N ASP A 24 25.00 -13.10 -0.30
CA ASP A 24 25.50 -11.95 0.47
C ASP A 24 25.41 -10.71 -0.41
N PHE A 25 25.24 -9.52 0.17
CA PHE A 25 24.99 -8.32 -0.65
C PHE A 25 25.03 -6.97 0.10
N ASP A 26 25.28 -5.92 -0.67
CA ASP A 26 25.14 -4.51 -0.23
C ASP A 26 23.85 -3.91 -0.81
N VAL A 27 23.32 -2.84 -0.18
CA VAL A 27 22.09 -2.21 -0.63
C VAL A 27 22.26 -0.71 -0.94
N PHE A 28 21.76 -0.28 -2.11
CA PHE A 28 21.69 1.13 -2.50
C PHE A 28 20.24 1.62 -2.48
N ARG A 29 19.99 2.76 -1.81
CA ARG A 29 18.64 3.38 -1.75
C ARG A 29 18.69 4.84 -2.24
N CYS A 30 17.53 5.41 -2.58
CA CYS A 30 17.51 6.81 -3.03
C CYS A 30 16.27 7.60 -2.60
N ASN A 31 16.43 8.93 -2.64
CA ASN A 31 15.33 9.90 -2.50
C ASN A 31 14.42 9.58 -1.30
N GLN A 32 13.12 9.38 -1.50
CA GLN A 32 12.18 9.25 -0.36
C GLN A 32 12.05 7.80 0.16
N PHE A 33 13.14 7.05 0.11
CA PHE A 33 13.11 5.62 0.44
C PHE A 33 12.56 5.39 1.85
N TYR A 34 12.89 6.30 2.76
CA TYR A 34 12.55 6.15 4.17
C TYR A 34 11.04 6.31 4.41
N PHE A 35 10.29 6.75 3.41
CA PHE A 35 8.84 6.78 3.50
C PHE A 35 8.24 5.35 3.58
N GLU A 36 9.02 4.31 3.29
CA GLU A 36 8.50 2.93 3.29
C GLU A 36 7.91 2.55 4.66
N ASP A 37 6.81 1.81 4.64
CA ASP A 37 6.16 1.42 5.90
C ASP A 37 6.75 0.16 6.57
N LYS A 38 7.61 -0.56 5.85
CA LYS A 38 8.35 -1.69 6.40
C LYS A 38 9.77 -1.67 5.87
N TYR A 39 10.70 -2.35 6.55
CA TYR A 39 12.09 -2.44 6.09
C TYR A 39 12.24 -3.50 4.99
N TYR A 40 11.71 -3.17 3.81
CA TYR A 40 11.71 -4.12 2.69
C TYR A 40 13.08 -4.65 2.29
N LEU A 41 14.15 -3.89 2.59
CA LEU A 41 15.49 -4.36 2.32
C LEU A 41 16.43 -4.20 3.52
N GLY A 42 15.86 -4.09 4.71
CA GLY A 42 16.66 -3.94 5.92
C GLY A 42 17.00 -2.49 6.26
N LYS A 43 17.68 -2.33 7.40
CA LYS A 43 18.06 -1.03 7.92
C LYS A 43 19.41 -0.56 7.40
N LYS A 44 20.22 -1.48 6.92
CA LYS A 44 21.62 -1.18 6.62
C LYS A 44 21.83 -0.88 5.13
N CYS A 45 22.24 0.35 4.83
CA CYS A 45 22.54 0.74 3.44
C CYS A 45 24.05 0.89 3.22
N LYS A 46 24.53 0.45 2.06
CA LYS A 46 25.89 0.74 1.67
C LYS A 46 25.98 2.19 1.17
N ALA A 47 24.95 2.65 0.47
CA ALA A 47 24.92 4.00 -0.05
C ALA A 47 23.48 4.51 -0.20
N VAL A 48 23.29 5.81 0.03
CA VAL A 48 22.04 6.49 -0.27
C VAL A 48 22.30 7.65 -1.24
N PHE A 49 21.37 7.88 -2.19
CA PHE A 49 21.52 8.85 -3.27
C PHE A 49 20.40 9.89 -3.20
N TYR A 50 20.75 11.17 -3.34
CA TYR A 50 19.77 12.27 -3.33
C TYR A 50 20.03 13.26 -4.48
N ASN A 51 18.97 13.83 -5.04
CA ASN A 51 19.11 14.87 -6.06
C ASN A 51 19.62 16.20 -5.52
N PRO A 52 20.37 16.97 -6.34
CA PRO A 52 20.81 18.31 -5.94
C PRO A 52 19.69 19.22 -5.42
N SER A 53 18.52 19.14 -6.05
CA SER A 53 17.42 20.09 -5.76
C SER A 53 16.93 20.00 -4.31
N LEU A 54 17.03 18.82 -3.70
CA LEU A 54 16.63 18.64 -2.31
C LEU A 54 17.75 18.16 -1.38
N PHE A 55 19.01 18.21 -1.83
CA PHE A 55 20.11 17.62 -1.05
C PHE A 55 20.26 18.23 0.33
N PHE A 56 20.16 19.57 0.40
CA PHE A 56 20.27 20.32 1.65
C PHE A 56 19.29 19.76 2.69
N GLU A 57 18.04 19.55 2.30
CA GLU A 57 17.01 19.06 3.22
C GLU A 57 17.16 17.54 3.48
N GLN A 58 17.58 16.79 2.47
CA GLN A 58 17.72 15.33 2.60
C GLN A 58 18.88 14.93 3.51
N TYR A 59 19.97 15.70 3.45
CA TYR A 59 21.14 15.44 4.28
C TYR A 59 20.77 15.64 5.75
N TYR A 60 20.08 16.74 6.03
CA TYR A 60 19.57 17.07 7.37
C TYR A 60 18.66 15.95 7.87
N THR A 61 17.77 15.49 6.99
CA THR A 61 16.82 14.43 7.33
C THR A 61 17.53 13.10 7.61
N LEU A 62 18.54 12.79 6.80
CA LEU A 62 19.30 11.54 6.96
C LEU A 62 20.03 11.48 8.31
N LYS A 63 20.61 12.61 8.73
CA LYS A 63 21.28 12.65 10.03
C LYS A 63 20.30 12.34 11.18
N HIS A 64 19.06 12.79 11.04
CA HIS A 64 17.99 12.46 11.98
CA HIS A 64 18.03 12.47 12.02
C HIS A 64 17.68 10.97 11.99
N LEU A 65 17.56 10.39 10.79
CA LEU A 65 17.29 8.95 10.64
C LEU A 65 18.37 8.08 11.33
N ILE A 66 19.63 8.49 11.19
CA ILE A 66 20.76 7.73 11.75
C ILE A 66 20.78 7.85 13.28
N GLN A 67 20.63 9.09 13.77
CA GLN A 67 20.56 9.35 15.22
C GLN A 67 19.40 8.61 15.88
N ASN A 68 18.28 8.50 15.17
CA ASN A 68 17.05 7.87 15.70
C ASN A 68 17.08 6.34 15.50
N GLN A 69 18.19 5.85 14.97
CA GLN A 69 18.41 4.41 14.73
C GLN A 69 17.39 3.77 13.77
N GLU A 70 16.91 4.56 12.82
CA GLU A 70 16.01 4.06 11.77
C GLU A 70 16.78 3.40 10.62
N TYR A 71 17.89 4.02 10.20
CA TYR A 71 18.73 3.44 9.14
C TYR A 71 20.21 3.68 9.45
N GLU A 72 21.10 2.95 8.80
CA GLU A 72 22.49 3.37 8.71
C GLU A 72 22.97 3.31 7.25
N THR A 73 24.01 4.09 6.96
CA THR A 73 24.63 4.06 5.63
C THR A 73 26.10 4.39 5.73
N GLU A 74 26.87 3.79 4.84
CA GLU A 74 28.30 4.04 4.76
C GLU A 74 28.61 5.23 3.85
N LEU A 75 27.95 5.31 2.69
CA LEU A 75 28.18 6.38 1.71
C LEU A 75 26.93 7.26 1.52
N ILE A 76 27.16 8.53 1.21
CA ILE A 76 26.08 9.48 0.92
C ILE A 76 26.43 10.17 -0.42
N MET A 77 25.58 9.99 -1.43
CA MET A 77 25.87 10.47 -2.78
C MET A 77 24.85 11.51 -3.26
N CYS A 78 25.34 12.52 -3.99
CA CYS A 78 24.48 13.47 -4.68
C CYS A 78 24.47 13.09 -6.16
N SER A 79 23.26 12.93 -6.74
CA SER A 79 23.12 12.43 -8.11
CA SER A 79 23.11 12.44 -8.11
C SER A 79 23.19 13.56 -9.13
N ASN A 80 24.40 14.05 -9.39
CA ASN A 80 24.63 15.18 -10.29
C ASN A 80 25.34 14.78 -11.59
N TYR A 81 25.42 15.72 -12.53
CA TYR A 81 25.92 15.43 -13.87
C TYR A 81 26.90 16.50 -14.43
N ASN A 82 27.18 17.56 -13.66
CA ASN A 82 27.96 18.72 -14.14
C ASN A 82 27.28 19.38 -15.37
N GLN A 83 25.98 19.69 -15.21
CA GLN A 83 25.18 20.32 -16.26
C GLN A 83 24.52 21.59 -15.72
N ALA A 84 24.77 22.74 -16.34
CA ALA A 84 24.29 24.01 -15.82
C ALA A 84 22.76 24.08 -15.78
N HIS A 85 22.08 23.45 -16.73
CA HIS A 85 20.63 23.54 -16.74
C HIS A 85 19.99 22.67 -15.65
N LEU A 86 20.79 21.83 -15.00
CA LEU A 86 20.27 20.89 -14.02
C LEU A 86 20.65 21.18 -12.57
N GLU A 87 21.75 21.90 -12.36
CA GLU A 87 22.26 22.04 -11.00
C GLU A 87 22.95 23.38 -10.81
N ASN A 88 22.85 23.89 -9.59
CA ASN A 88 23.51 25.13 -9.17
C ASN A 88 25.02 24.97 -9.16
N GLU A 89 25.70 25.89 -9.83
CA GLU A 89 27.15 25.83 -10.02
C GLU A 89 27.92 25.97 -8.70
N ASN A 90 27.49 26.90 -7.85
CA ASN A 90 28.14 27.07 -6.57
C ASN A 90 27.95 25.86 -5.66
N PHE A 91 26.77 25.24 -5.76
CA PHE A 91 26.48 24.03 -4.98
C PHE A 91 27.54 22.96 -5.27
N VAL A 92 27.84 22.74 -6.54
CA VAL A 92 28.81 21.72 -6.93
C VAL A 92 30.23 22.13 -6.55
N LYS A 93 30.57 23.39 -6.78
CA LYS A 93 31.91 23.89 -6.50
C LYS A 93 32.29 23.73 -5.01
N THR A 94 31.35 23.98 -4.11
CA THR A 94 31.63 24.03 -2.67
C THR A 94 31.16 22.77 -1.93
N PHE A 95 30.67 21.78 -2.67
CA PHE A 95 30.06 20.59 -2.06
C PHE A 95 30.87 19.94 -0.92
N TYR A 96 32.15 19.68 -1.16
CA TYR A 96 32.93 18.92 -0.18
C TYR A 96 33.24 19.73 1.09
N ASP A 97 33.05 21.05 1.02
CA ASP A 97 33.28 21.89 2.18
C ASP A 97 32.02 22.07 3.02
N TYR A 98 30.85 21.86 2.41
CA TYR A 98 29.59 21.91 3.14
C TYR A 98 29.15 20.52 3.65
N PHE A 99 29.55 19.47 2.92
CA PHE A 99 29.16 18.09 3.25
C PHE A 99 30.38 17.15 3.17
N PRO A 100 31.30 17.27 4.14
CA PRO A 100 32.62 16.64 4.02
C PRO A 100 32.62 15.10 4.01
N ASP A 101 31.56 14.49 4.53
CA ASP A 101 31.46 13.04 4.54
C ASP A 101 30.59 12.47 3.40
N ALA A 102 30.18 13.34 2.47
CA ALA A 102 29.40 12.92 1.32
C ALA A 102 30.24 12.92 0.03
N HIS A 103 29.66 12.45 -1.07
CA HIS A 103 30.33 12.46 -2.38
C HIS A 103 29.42 13.01 -3.47
N LEU A 104 30.00 13.71 -4.42
CA LEU A 104 29.33 14.00 -5.70
C LEU A 104 29.31 12.72 -6.53
N GLY A 105 28.12 12.28 -6.89
CA GLY A 105 27.98 11.02 -7.64
C GLY A 105 28.72 11.09 -8.97
N TYR A 106 28.80 12.29 -9.52
CA TYR A 106 29.48 12.47 -10.82
C TYR A 106 30.96 12.10 -10.79
N ASP A 107 31.59 12.19 -9.60
CA ASP A 107 32.99 11.80 -9.44
C ASP A 107 33.19 10.30 -9.77
N PHE A 108 32.12 9.53 -9.64
CA PHE A 108 32.13 8.11 -10.01
C PHE A 108 31.51 7.87 -11.41
N PHE A 109 30.40 8.55 -11.69
CA PHE A 109 29.71 8.43 -12.96
C PHE A 109 30.66 8.70 -14.12
N LYS A 110 31.48 9.73 -13.98
CA LYS A 110 32.35 10.17 -15.08
C LYS A 110 33.48 9.17 -15.36
N GLN A 111 33.73 8.25 -14.43
CA GLN A 111 34.73 7.20 -14.67
C GLN A 111 34.27 6.23 -15.76
N LEU A 112 32.96 6.19 -16.02
CA LEU A 112 32.44 5.42 -17.14
C LEU A 112 32.29 6.33 -18.35
N LYS A 113 33.37 6.51 -19.09
CA LYS A 113 33.40 7.48 -20.19
C LYS A 113 32.31 7.23 -21.25
N ASP A 114 32.24 5.98 -21.72
CA ASP A 114 31.28 5.63 -22.76
C ASP A 114 29.82 5.87 -22.29
N PHE A 115 29.51 5.55 -21.04
CA PHE A 115 28.15 5.81 -20.54
C PHE A 115 27.86 7.30 -20.31
N ASN A 116 28.83 8.05 -19.79
CA ASN A 116 28.72 9.51 -19.65
C ASN A 116 28.37 10.12 -21.02
N ALA A 117 29.07 9.71 -22.06
CA ALA A 117 28.81 10.20 -23.42
C ALA A 117 27.40 9.83 -23.89
N TYR A 118 27.02 8.59 -23.60
CA TYR A 118 25.68 8.08 -23.90
C TYR A 118 24.61 8.93 -23.24
N PHE A 119 24.74 9.14 -21.93
CA PHE A 119 23.79 9.95 -21.18
C PHE A 119 23.69 11.40 -21.71
N LYS A 120 24.83 12.04 -21.92
CA LYS A 120 24.85 13.45 -22.29
C LYS A 120 24.22 13.69 -23.65
N PHE A 121 24.49 12.79 -24.58
CA PHE A 121 23.92 12.95 -25.92
C PHE A 121 22.38 12.90 -25.88
N HIS A 122 21.84 11.89 -25.19
CA HIS A 122 20.39 11.77 -25.07
C HIS A 122 19.73 12.92 -24.28
N GLU A 123 20.35 13.37 -23.18
CA GLU A 123 19.78 14.48 -22.39
C GLU A 123 19.78 15.81 -23.14
N ILE A 124 20.96 16.21 -23.64
CA ILE A 124 21.12 17.49 -24.31
C ILE A 124 20.31 17.60 -25.61
N TYR A 125 20.39 16.58 -26.47
CA TYR A 125 19.85 16.73 -27.81
C TYR A 125 18.41 16.19 -27.96
N PHE A 126 18.04 15.20 -27.15
CA PHE A 126 16.74 14.56 -27.31
C PHE A 126 15.83 14.68 -26.10
N ASN A 127 16.28 15.39 -25.09
CA ASN A 127 15.51 15.54 -23.85
C ASN A 127 15.06 14.18 -23.28
N GLN A 128 15.95 13.20 -23.33
CA GLN A 128 15.71 11.88 -22.75
C GLN A 128 16.70 11.66 -21.58
N ARG A 129 16.17 11.55 -20.37
CA ARG A 129 17.00 11.44 -19.16
C ARG A 129 16.77 10.14 -18.37
N ILE A 130 17.85 9.45 -18.02
CA ILE A 130 17.75 8.27 -17.17
C ILE A 130 17.23 8.68 -15.78
N THR A 131 16.64 7.72 -15.07
CA THR A 131 16.13 7.97 -13.73
C THR A 131 17.19 7.62 -12.68
N SER A 132 16.89 7.89 -11.41
CA SER A 132 17.83 7.62 -10.32
C SER A 132 18.22 6.16 -10.23
N GLY A 133 17.26 5.27 -10.51
CA GLY A 133 17.54 3.84 -10.51
C GLY A 133 18.72 3.46 -11.39
N VAL A 134 18.74 4.00 -12.61
CA VAL A 134 19.80 3.73 -13.56
C VAL A 134 21.10 4.45 -13.19
N TYR A 135 20.97 5.68 -12.70
CA TYR A 135 22.11 6.43 -12.20
C TYR A 135 22.87 5.59 -11.15
N MET A 136 22.14 5.00 -10.21
CA MET A 136 22.76 4.18 -9.16
C MET A 136 23.47 2.97 -9.72
N CYS A 137 22.92 2.36 -10.77
CA CYS A 137 23.60 1.25 -11.46
C CYS A 137 24.97 1.65 -12.01
N ALA A 138 25.02 2.81 -12.68
CA ALA A 138 26.28 3.28 -13.24
C ALA A 138 27.30 3.51 -12.14
N VAL A 139 26.88 4.13 -11.04
CA VAL A 139 27.79 4.35 -9.92
C VAL A 139 28.30 3.02 -9.30
N ALA A 140 27.41 2.05 -9.14
CA ALA A 140 27.82 0.72 -8.66
C ALA A 140 28.90 0.08 -9.56
N ILE A 141 28.69 0.18 -10.86
CA ILE A 141 29.65 -0.37 -11.83
C ILE A 141 31.02 0.33 -11.69
N ALA A 142 30.99 1.66 -11.58
CA ALA A 142 32.22 2.44 -11.36
C ALA A 142 32.93 2.03 -10.05
N LEU A 143 32.18 1.65 -9.03
CA LEU A 143 32.78 1.23 -7.75
C LEU A 143 33.29 -0.22 -7.77
N GLY A 144 33.03 -0.96 -8.84
CA GLY A 144 33.56 -2.34 -8.96
C GLY A 144 32.58 -3.50 -8.79
N TYR A 145 31.29 -3.22 -8.58
CA TYR A 145 30.30 -4.28 -8.48
C TYR A 145 30.11 -5.00 -9.83
N LYS A 146 29.89 -6.32 -9.78
CA LYS A 146 29.79 -7.17 -10.98
C LYS A 146 28.40 -7.77 -11.19
N GLU A 147 27.65 -7.94 -10.11
CA GLU A 147 26.30 -8.50 -10.19
C GLU A 147 25.33 -7.54 -9.52
N ILE A 148 24.38 -7.04 -10.31
CA ILE A 148 23.42 -6.05 -9.83
C ILE A 148 22.00 -6.60 -9.83
N TYR A 149 21.35 -6.54 -8.68
CA TYR A 149 19.98 -7.05 -8.50
C TYR A 149 18.99 -5.90 -8.30
N LEU A 150 18.03 -5.77 -9.22
CA LEU A 150 17.15 -4.59 -9.27
C LEU A 150 15.78 -4.81 -8.65
N SER A 151 15.29 -3.78 -7.96
CA SER A 151 13.95 -3.77 -7.37
C SER A 151 13.37 -2.35 -7.38
N GLY A 152 12.06 -2.22 -7.29
CA GLY A 152 11.41 -0.90 -7.19
C GLY A 152 11.49 -0.05 -8.45
N ILE A 153 11.80 -0.69 -9.58
CA ILE A 153 11.87 -0.01 -10.85
C ILE A 153 10.67 -0.41 -11.72
N ASP A 154 9.72 0.51 -11.87
CA ASP A 154 8.45 0.20 -12.51
C ASP A 154 8.12 1.15 -13.68
N PHE A 155 8.99 2.12 -13.95
CA PHE A 155 8.83 3.02 -15.07
C PHE A 155 7.58 3.91 -14.95
N TYR A 156 7.18 4.22 -13.71
CA TYR A 156 5.99 5.02 -13.47
C TYR A 156 4.76 4.49 -14.23
N GLN A 157 4.45 3.22 -13.99
CA GLN A 157 3.30 2.55 -14.59
C GLN A 157 3.58 2.16 -16.04
N SER A 160 0.83 3.65 -6.21
CA SER A 160 0.87 3.45 -7.66
C SER A 160 2.04 4.19 -8.30
N SER A 161 2.18 5.47 -8.01
CA SER A 161 3.42 6.18 -8.29
C SER A 161 4.54 5.54 -7.47
N TYR A 162 4.24 5.25 -6.21
CA TYR A 162 5.27 4.79 -5.27
C TYR A 162 4.76 3.65 -4.38
N ALA A 163 5.71 3.00 -3.71
CA ALA A 163 5.40 1.97 -2.74
C ALA A 163 4.82 2.54 -1.44
N PHE A 164 4.67 3.86 -1.39
CA PHE A 164 4.12 4.53 -0.20
C PHE A 164 3.32 5.76 -0.66
N ASP A 165 2.59 6.40 0.27
CA ASP A 165 1.94 7.68 0.01
C ASP A 165 2.99 8.79 0.08
N THR A 166 3.23 9.46 -1.04
CA THR A 166 4.31 10.44 -1.12
C THR A 166 3.83 11.86 -0.87
N LYS A 167 2.52 12.03 -0.73
CA LYS A 167 1.93 13.35 -0.61
C LYS A 167 1.95 13.84 0.85
N GLN A 168 3.15 14.11 1.36
CA GLN A 168 3.32 14.53 2.75
C GLN A 168 3.56 16.03 2.84
N LYS A 169 3.16 16.62 3.96
CA LYS A 169 3.09 18.08 4.12
C LYS A 169 4.38 18.82 3.76
N ASN A 170 5.48 18.44 4.37
CA ASN A 170 6.76 19.11 4.15
C ASN A 170 7.26 18.94 2.73
N LEU A 171 7.16 17.73 2.20
CA LEU A 171 7.62 17.47 0.84
C LEU A 171 6.87 18.34 -0.13
N LEU A 172 5.55 18.43 0.06
CA LEU A 172 4.68 19.26 -0.79
C LEU A 172 5.05 20.73 -0.68
N LYS A 173 5.44 21.16 0.50
CA LYS A 173 5.89 22.53 0.71
C LYS A 173 7.16 22.82 -0.11
N LEU A 174 8.07 21.85 -0.18
CA LEU A 174 9.34 22.01 -0.91
C LEU A 174 9.20 21.70 -2.40
N ALA A 175 8.24 20.84 -2.75
CA ALA A 175 8.09 20.37 -4.12
C ALA A 175 6.63 20.02 -4.41
N PRO A 176 5.82 21.03 -4.78
CA PRO A 176 4.38 20.86 -4.96
C PRO A 176 3.99 19.85 -6.06
N ASN A 177 4.96 19.44 -6.88
CA ASN A 177 4.68 18.54 -8.00
C ASN A 177 4.32 17.12 -7.58
N PHE A 178 4.74 16.72 -6.38
CA PHE A 178 4.44 15.39 -5.86
C PHE A 178 2.95 15.29 -5.51
N SER A 189 9.25 6.81 -22.90
CA SER A 189 9.56 6.95 -21.47
C SER A 189 10.41 5.76 -21.02
N LYS A 190 9.76 4.64 -20.65
CA LYS A 190 10.44 3.43 -20.13
C LYS A 190 11.58 2.98 -21.06
N ASN A 191 11.48 3.37 -22.31
CA ASN A 191 12.50 3.07 -23.29
C ASN A 191 13.86 3.60 -22.88
N THR A 192 13.90 4.82 -22.37
CA THR A 192 15.16 5.45 -21.96
C THR A 192 15.91 4.60 -20.94
N ASP A 193 15.25 4.20 -19.86
CA ASP A 193 15.89 3.38 -18.83
C ASP A 193 16.30 2.00 -19.36
N ILE A 194 15.44 1.37 -20.15
CA ILE A 194 15.73 0.02 -20.64
C ILE A 194 16.94 0.00 -21.56
N LYS A 195 16.99 0.93 -22.51
CA LYS A 195 18.13 1.01 -23.43
C LYS A 195 19.42 1.36 -22.69
N ALA A 196 19.32 2.16 -21.62
CA ALA A 196 20.52 2.51 -20.86
C ALA A 196 21.06 1.32 -20.08
N LEU A 197 20.18 0.54 -19.45
CA LEU A 197 20.60 -0.66 -18.74
C LEU A 197 21.25 -1.68 -19.70
N GLU A 198 20.66 -1.87 -20.87
CA GLU A 198 21.25 -2.76 -21.89
C GLU A 198 22.69 -2.31 -22.28
N PHE A 199 22.86 -1.00 -22.45
CA PHE A 199 24.17 -0.44 -22.77
C PHE A 199 25.19 -0.72 -21.65
N LEU A 200 24.78 -0.50 -20.39
CA LEU A 200 25.68 -0.73 -19.27
C LEU A 200 26.13 -2.20 -19.23
N GLU A 201 25.17 -3.11 -19.36
CA GLU A 201 25.45 -4.53 -19.28
C GLU A 201 26.43 -4.99 -20.37
N LYS A 202 26.16 -4.59 -21.62
CA LYS A 202 26.97 -4.96 -22.76
C LYS A 202 28.37 -4.34 -22.71
N THR A 203 28.43 -3.07 -22.30
CA THR A 203 29.69 -2.33 -22.39
C THR A 203 30.66 -2.70 -21.28
N TYR A 204 30.17 -2.89 -20.05
CA TYR A 204 31.05 -3.11 -18.91
C TYR A 204 31.06 -4.57 -18.41
N LYS A 205 30.34 -5.45 -19.08
CA LYS A 205 30.43 -6.89 -18.82
C LYS A 205 30.01 -7.25 -17.40
N ILE A 206 28.89 -6.72 -16.96
CA ILE A 206 28.39 -7.04 -15.65
C ILE A 206 27.09 -7.77 -15.85
N LYS A 207 26.51 -8.32 -14.78
CA LYS A 207 25.24 -9.01 -14.91
C LYS A 207 24.11 -8.29 -14.17
N LEU A 208 22.99 -8.08 -14.86
CA LEU A 208 21.77 -7.54 -14.24
C LEU A 208 20.74 -8.64 -13.97
N TYR A 209 20.13 -8.59 -12.79
CA TYR A 209 19.00 -9.45 -12.43
C TYR A 209 17.79 -8.65 -11.92
N CYS A 210 16.60 -9.22 -12.05
CA CYS A 210 15.37 -8.63 -11.53
C CYS A 210 14.89 -9.45 -10.33
N LEU A 211 14.52 -8.77 -9.23
CA LEU A 211 14.07 -9.46 -8.04
C LEU A 211 12.55 -9.51 -7.91
N CYS A 212 11.87 -8.83 -8.84
CA CYS A 212 10.42 -8.60 -8.76
C CYS A 212 9.67 -9.18 -9.97
N PRO A 213 9.24 -10.45 -9.87
CA PRO A 213 8.60 -11.20 -10.96
C PRO A 213 7.35 -10.53 -11.56
N ASN A 214 6.60 -9.77 -10.78
CA ASN A 214 5.40 -9.13 -11.31
C ASN A 214 5.63 -7.77 -11.95
N SER A 215 6.87 -7.30 -11.91
CA SER A 215 7.18 -5.97 -12.41
C SER A 215 7.30 -5.96 -13.93
N LEU A 216 7.08 -4.80 -14.53
CA LEU A 216 7.32 -4.64 -15.96
C LEU A 216 8.80 -4.89 -16.27
N LEU A 217 9.67 -4.57 -15.32
CA LEU A 217 11.09 -4.79 -15.49
C LEU A 217 11.38 -6.25 -15.88
N ALA A 218 10.59 -7.19 -15.35
CA ALA A 218 10.86 -8.62 -15.54
C ALA A 218 10.60 -9.08 -17.00
N ASN A 219 10.02 -8.19 -17.79
CA ASN A 219 9.84 -8.44 -19.21
C ASN A 219 11.10 -8.20 -20.02
N PHE A 220 12.07 -7.53 -19.40
CA PHE A 220 13.23 -7.08 -20.12
C PHE A 220 14.52 -7.63 -19.52
N ILE A 221 14.47 -7.92 -18.22
CA ILE A 221 15.63 -8.38 -17.47
C ILE A 221 15.30 -9.71 -16.79
N GLY A 222 16.15 -10.70 -16.96
CA GLY A 222 15.92 -12.03 -16.40
C GLY A 222 15.93 -12.06 -14.88
N LEU A 223 15.11 -12.95 -14.32
CA LEU A 223 14.96 -13.09 -12.87
C LEU A 223 16.24 -13.61 -12.19
N ALA A 224 16.49 -13.12 -10.98
CA ALA A 224 17.53 -13.69 -10.15
C ALA A 224 17.13 -15.15 -9.86
N PRO A 225 18.11 -16.07 -9.85
CA PRO A 225 17.76 -17.47 -9.59
C PRO A 225 17.23 -17.72 -8.18
N ASN A 226 16.32 -18.68 -8.06
CA ASN A 226 15.79 -19.06 -6.77
C ASN A 226 16.84 -19.82 -5.97
N LEU A 227 17.25 -19.27 -4.83
CA LEU A 227 18.28 -19.90 -4.00
C LEU A 227 17.72 -20.40 -2.67
N ASN A 228 16.40 -20.38 -2.52
CA ASN A 228 15.78 -20.71 -1.24
C ASN A 228 16.30 -19.85 -0.08
N SER A 229 16.58 -18.58 -0.35
CA SER A 229 17.05 -17.67 0.70
C SER A 229 15.90 -17.25 1.61
N ASN A 230 16.23 -16.86 2.84
CA ASN A 230 15.24 -16.33 3.78
C ASN A 230 15.51 -14.85 4.07
N PHE A 231 14.46 -14.13 4.45
CA PHE A 231 14.60 -12.73 4.83
C PHE A 231 13.47 -12.36 5.78
N ILE A 232 13.81 -11.68 6.87
CA ILE A 232 12.83 -11.23 7.81
C ILE A 232 12.47 -9.77 7.50
N ILE A 233 11.20 -9.52 7.23
CA ILE A 233 10.73 -8.15 6.95
C ILE A 233 10.21 -7.49 8.22
N GLN A 234 11.04 -6.63 8.80
CA GLN A 234 10.66 -5.92 10.02
C GLN A 234 9.70 -4.76 9.73
N GLU A 235 8.61 -4.68 10.50
CA GLU A 235 7.65 -3.59 10.36
C GLU A 235 8.21 -2.34 11.05
N LYS A 236 7.73 -1.17 10.65
CA LYS A 236 8.14 0.12 11.22
C LYS A 236 6.99 0.76 11.99
N ASN A 237 7.29 1.45 13.08
CA ASN A 237 6.27 2.19 13.82
C ASN A 237 6.76 3.52 14.37
N ASN A 238 5.89 4.53 14.35
CA ASN A 238 6.27 5.88 14.77
C ASN A 238 7.56 6.29 14.08
N TYR A 239 7.55 6.27 12.75
CA TYR A 239 8.79 6.48 12.03
C TYR A 239 8.74 7.77 11.21
N THR A 240 9.92 8.20 10.75
CA THR A 240 10.03 9.41 9.98
C THR A 240 9.47 9.14 8.59
N LYS A 241 8.35 9.78 8.26
CA LYS A 241 7.67 9.53 6.99
C LYS A 241 7.48 10.79 6.16
N ASP A 242 8.24 11.83 6.49
CA ASP A 242 8.23 13.08 5.73
C ASP A 242 9.65 13.66 5.82
N ILE A 243 9.98 14.50 4.85
CA ILE A 243 11.26 15.19 4.86
C ILE A 243 11.18 16.29 5.92
N LEU A 244 12.33 16.61 6.51
CA LEU A 244 12.43 17.68 7.51
C LEU A 244 12.92 18.96 6.86
N ILE A 245 12.49 20.09 7.40
CA ILE A 245 12.79 21.42 6.87
C ILE A 245 13.74 22.20 7.81
N PRO A 246 14.93 22.55 7.32
CA PRO A 246 15.89 23.31 8.13
C PRO A 246 15.39 24.70 8.55
N SER A 247 16.01 25.28 9.58
CA SER A 247 15.64 26.60 10.07
C SER A 247 15.86 27.68 9.02
N SER A 248 15.21 28.82 9.20
CA SER A 248 15.43 29.95 8.30
C SER A 248 16.89 30.45 8.37
N GLU A 249 17.52 30.38 9.53
CA GLU A 249 18.95 30.74 9.64
C GLU A 249 19.85 29.81 8.80
N ALA A 250 19.53 28.52 8.80
CA ALA A 250 20.28 27.54 7.99
C ALA A 250 20.13 27.85 6.50
N TYR A 251 18.91 28.10 6.05
CA TYR A 251 18.71 28.50 4.66
C TYR A 251 19.51 29.76 4.31
N GLY A 252 19.55 30.71 5.24
CA GLY A 252 20.30 31.95 5.02
C GLY A 252 21.76 31.66 4.72
N LYS A 253 22.34 30.74 5.49
CA LYS A 253 23.76 30.38 5.31
C LYS A 253 24.02 29.65 3.99
N PHE A 254 23.04 28.88 3.52
CA PHE A 254 23.20 28.09 2.31
C PHE A 254 22.69 28.79 1.06
N SER A 255 22.20 30.03 1.19
CA SER A 255 21.43 30.66 0.08
C SER A 255 22.17 30.84 -1.25
N LYS A 256 23.49 30.98 -1.27
CA LYS A 256 24.21 31.02 -2.54
C LYS A 256 24.07 29.70 -3.32
N ASN A 257 23.80 28.60 -2.63
CA ASN A 257 23.89 27.27 -3.23
C ASN A 257 22.54 26.69 -3.63
N ILE A 258 21.50 27.49 -3.40
CA ILE A 258 20.14 27.15 -3.81
C ILE A 258 19.67 28.13 -4.90
N LYS B 2 -9.60 -22.28 7.04
CA LYS B 2 -8.67 -21.36 7.78
C LYS B 2 -9.45 -20.37 8.68
N LYS B 3 -8.76 -19.30 9.08
CA LYS B 3 -9.26 -18.36 10.09
C LYS B 3 -9.53 -16.99 9.49
N VAL B 4 -10.69 -16.42 9.80
CA VAL B 4 -11.04 -15.11 9.28
C VAL B 4 -11.60 -14.20 10.37
N ILE B 5 -11.20 -12.93 10.32
CA ILE B 5 -11.75 -11.89 11.17
C ILE B 5 -12.75 -11.06 10.39
N ILE B 6 -13.99 -11.04 10.86
CA ILE B 6 -15.07 -10.31 10.21
C ILE B 6 -15.48 -9.12 11.07
N ALA B 7 -15.34 -7.93 10.50
CA ALA B 7 -15.54 -6.70 11.25
C ALA B 7 -16.70 -5.87 10.74
N GLY B 8 -17.64 -5.57 11.63
CA GLY B 8 -18.62 -4.51 11.40
C GLY B 8 -17.97 -3.19 11.76
N ASN B 9 -18.73 -2.11 11.70
CA ASN B 9 -18.22 -0.76 11.97
C ASN B 9 -18.82 -0.14 13.23
N GLY B 10 -19.28 -0.98 14.16
CA GLY B 10 -19.82 -0.52 15.43
C GLY B 10 -18.70 -0.06 16.37
N PRO B 11 -19.06 0.65 17.44
CA PRO B 11 -18.06 1.21 18.35
C PRO B 11 -17.06 0.18 18.91
N SER B 12 -17.46 -1.09 18.99
CA SER B 12 -16.58 -2.11 19.56
C SER B 12 -15.35 -2.35 18.67
N LEU B 13 -15.39 -1.87 17.44
CA LEU B 13 -14.24 -1.96 16.54
C LEU B 13 -12.99 -1.36 17.21
N LYS B 14 -13.16 -0.31 18.02
CA LYS B 14 -12.00 0.24 18.70
C LYS B 14 -11.83 -0.26 20.13
N GLU B 15 -12.40 -1.43 20.42
CA GLU B 15 -12.27 -2.05 21.74
C GLU B 15 -11.90 -3.53 21.64
N ILE B 16 -11.10 -3.88 20.64
CA ILE B 16 -10.63 -5.25 20.46
C ILE B 16 -9.59 -5.62 21.52
N ASP B 17 -9.72 -6.82 22.09
CA ASP B 17 -8.70 -7.33 23.00
C ASP B 17 -7.64 -8.05 22.18
N TYR B 18 -6.58 -7.33 21.83
CA TYR B 18 -5.59 -7.84 20.89
C TYR B 18 -4.79 -9.04 21.38
N SER B 19 -4.85 -9.33 22.68
CA SER B 19 -4.22 -10.54 23.19
C SER B 19 -4.92 -11.79 22.66
N ARG B 20 -6.16 -11.64 22.19
CA ARG B 20 -6.95 -12.76 21.71
C ARG B 20 -6.89 -12.91 20.19
N LEU B 21 -6.18 -11.99 19.55
CA LEU B 21 -6.03 -11.99 18.11
C LEU B 21 -5.28 -13.26 17.67
N PRO B 22 -5.89 -14.07 16.79
CA PRO B 22 -5.20 -15.26 16.30
C PRO B 22 -3.90 -14.86 15.60
N ASN B 23 -3.02 -15.83 15.33
CA ASN B 23 -1.69 -15.48 14.82
C ASN B 23 -1.63 -15.40 13.30
N ASP B 24 -2.52 -16.12 12.63
CA ASP B 24 -2.64 -16.03 11.18
C ASP B 24 -4.10 -15.94 10.79
N PHE B 25 -4.45 -14.95 9.98
CA PHE B 25 -5.85 -14.70 9.63
C PHE B 25 -6.00 -13.83 8.39
N ASP B 26 -7.17 -13.95 7.76
CA ASP B 26 -7.64 -13.02 6.72
C ASP B 26 -8.62 -12.06 7.38
N VAL B 27 -8.84 -10.90 6.76
CA VAL B 27 -9.76 -9.88 7.27
C VAL B 27 -10.85 -9.52 6.23
N PHE B 28 -12.12 -9.48 6.67
CA PHE B 28 -13.26 -8.98 5.87
C PHE B 28 -13.77 -7.64 6.44
N ARG B 29 -13.95 -6.64 5.57
CA ARG B 29 -14.50 -5.33 5.97
C ARG B 29 -15.70 -4.95 5.11
N CYS B 30 -16.50 -3.99 5.57
CA CYS B 30 -17.65 -3.55 4.79
C CYS B 30 -17.96 -2.05 4.84
N ASN B 31 -18.69 -1.60 3.82
CA ASN B 31 -19.29 -0.28 3.76
C ASN B 31 -18.32 0.87 4.06
N GLN B 32 -18.57 1.66 5.11
CA GLN B 32 -17.69 2.81 5.39
C GLN B 32 -16.55 2.51 6.34
N PHE B 33 -15.96 1.31 6.22
CA PHE B 33 -14.83 0.91 7.07
C PHE B 33 -13.67 1.91 7.05
N TYR B 34 -13.42 2.52 5.89
CA TYR B 34 -12.26 3.37 5.72
C TYR B 34 -12.39 4.71 6.46
N PHE B 35 -13.57 4.98 7.01
CA PHE B 35 -13.75 6.15 7.88
C PHE B 35 -12.99 6.01 9.20
N GLU B 36 -12.58 4.79 9.55
CA GLU B 36 -11.88 4.54 10.81
C GLU B 36 -10.64 5.44 10.96
N ASP B 37 -10.35 5.88 12.18
CA ASP B 37 -9.25 6.83 12.41
C ASP B 37 -7.88 6.13 12.63
N LYS B 38 -7.90 4.82 12.86
CA LYS B 38 -6.68 4.04 13.00
C LYS B 38 -6.84 2.72 12.24
N TYR B 39 -5.74 2.05 11.95
CA TYR B 39 -5.82 0.72 11.33
C TYR B 39 -6.09 -0.38 12.37
N TYR B 40 -7.34 -0.44 12.83
CA TYR B 40 -7.71 -1.34 13.92
C TYR B 40 -7.50 -2.80 13.58
N LEU B 41 -7.57 -3.14 12.29
CA LEU B 41 -7.29 -4.50 11.83
C LEU B 41 -6.26 -4.54 10.70
N GLY B 42 -5.49 -3.45 10.53
CA GLY B 42 -4.45 -3.40 9.51
C GLY B 42 -4.94 -2.91 8.15
N LYS B 43 -3.99 -2.75 7.22
CA LYS B 43 -4.26 -2.18 5.89
C LYS B 43 -4.78 -3.23 4.92
N LYS B 44 -4.54 -4.50 5.24
CA LYS B 44 -4.66 -5.59 4.27
C LYS B 44 -5.95 -6.39 4.46
N CYS B 45 -6.84 -6.32 3.48
CA CYS B 45 -8.11 -7.04 3.51
C CYS B 45 -8.13 -8.22 2.55
N LYS B 46 -8.72 -9.34 2.97
CA LYS B 46 -8.98 -10.42 2.03
C LYS B 46 -10.16 -10.07 1.11
N ALA B 47 -11.20 -9.48 1.71
CA ALA B 47 -12.41 -9.04 1.00
C ALA B 47 -13.02 -7.79 1.61
N VAL B 48 -13.62 -6.97 0.75
CA VAL B 48 -14.45 -5.84 1.16
C VAL B 48 -15.85 -6.00 0.54
N PHE B 49 -16.88 -5.61 1.31
CA PHE B 49 -18.28 -5.77 0.92
C PHE B 49 -19.02 -4.43 0.87
N TYR B 50 -19.75 -4.18 -0.22
CA TYR B 50 -20.58 -2.98 -0.37
C TYR B 50 -22.02 -3.28 -0.81
N ASN B 51 -22.96 -2.45 -0.35
CA ASN B 51 -24.36 -2.57 -0.73
C ASN B 51 -24.61 -2.10 -2.17
N PRO B 52 -25.57 -2.71 -2.86
CA PRO B 52 -25.87 -2.32 -4.24
C PRO B 52 -26.20 -0.83 -4.40
N SER B 53 -26.87 -0.26 -3.39
CA SER B 53 -27.37 1.12 -3.49
C SER B 53 -26.24 2.15 -3.63
N LEU B 54 -25.06 1.84 -3.10
CA LEU B 54 -23.91 2.73 -3.22
C LEU B 54 -22.70 2.07 -3.89
N PHE B 55 -22.89 0.90 -4.51
CA PHE B 55 -21.78 0.18 -5.12
C PHE B 55 -20.98 1.01 -6.14
N PHE B 56 -21.69 1.73 -7.01
CA PHE B 56 -21.07 2.56 -8.05
C PHE B 56 -20.05 3.53 -7.44
N GLU B 57 -20.46 4.20 -6.37
CA GLU B 57 -19.62 5.18 -5.69
C GLU B 57 -18.55 4.53 -4.81
N GLN B 58 -18.85 3.39 -4.19
CA GLN B 58 -17.88 2.71 -3.32
C GLN B 58 -16.73 2.09 -4.12
N TYR B 59 -17.04 1.57 -5.29
CA TYR B 59 -16.03 0.95 -6.15
C TYR B 59 -15.02 2.01 -6.61
N TYR B 60 -15.55 3.16 -7.04
CA TYR B 60 -14.76 4.34 -7.40
C TYR B 60 -13.88 4.78 -6.24
N THR B 61 -14.48 4.87 -5.06
CA THR B 61 -13.77 5.29 -3.87
C THR B 61 -12.65 4.30 -3.50
N LEU B 62 -12.95 3.01 -3.60
CA LEU B 62 -11.99 1.94 -3.29
C LEU B 62 -10.74 1.99 -4.16
N LYS B 63 -10.91 2.19 -5.46
CA LYS B 63 -9.75 2.28 -6.35
C LYS B 63 -8.85 3.46 -5.94
N HIS B 64 -9.46 4.53 -5.44
CA HIS B 64 -8.68 5.65 -4.89
C HIS B 64 -7.92 5.27 -3.60
N LEU B 65 -8.58 4.58 -2.67
CA LEU B 65 -7.92 4.05 -1.49
C LEU B 65 -6.72 3.19 -1.83
N ILE B 66 -6.84 2.35 -2.85
CA ILE B 66 -5.76 1.45 -3.21
C ILE B 66 -4.62 2.24 -3.86
N GLN B 67 -4.97 3.13 -4.79
CA GLN B 67 -3.99 4.01 -5.43
C GLN B 67 -3.17 4.80 -4.40
N ASN B 68 -3.85 5.31 -3.38
CA ASN B 68 -3.21 6.11 -2.33
C ASN B 68 -2.51 5.29 -1.25
N GLN B 69 -2.38 4.00 -1.49
CA GLN B 69 -1.72 3.06 -0.56
C GLN B 69 -2.35 3.04 0.84
N GLU B 70 -3.64 3.39 0.94
CA GLU B 70 -4.31 3.38 2.24
C GLU B 70 -4.76 1.96 2.65
N TYR B 71 -5.27 1.20 1.68
CA TYR B 71 -5.73 -0.18 1.90
C TYR B 71 -5.40 -1.06 0.68
N GLU B 72 -5.40 -2.37 0.89
CA GLU B 72 -5.28 -3.38 -0.16
C GLU B 72 -6.42 -4.38 0.04
N THR B 73 -6.94 -4.94 -1.06
CA THR B 73 -7.92 -6.02 -0.95
C THR B 73 -7.79 -7.00 -2.12
N GLU B 74 -8.02 -8.28 -1.84
CA GLU B 74 -7.98 -9.29 -2.89
C GLU B 74 -9.34 -9.43 -3.58
N LEU B 75 -10.42 -9.36 -2.81
CA LEU B 75 -11.77 -9.55 -3.34
C LEU B 75 -12.66 -8.31 -3.09
N ILE B 76 -13.58 -8.07 -4.02
CA ILE B 76 -14.56 -6.99 -3.90
C ILE B 76 -15.92 -7.64 -4.11
N MET B 77 -16.78 -7.52 -3.11
CA MET B 77 -18.10 -8.17 -3.14
C MET B 77 -19.26 -7.16 -3.04
N CYS B 78 -20.32 -7.41 -3.78
CA CYS B 78 -21.57 -6.67 -3.65
C CYS B 78 -22.58 -7.52 -2.86
N SER B 79 -23.10 -6.98 -1.76
CA SER B 79 -23.94 -7.78 -0.88
C SER B 79 -25.39 -7.78 -1.33
N ASN B 80 -25.69 -8.61 -2.31
CA ASN B 80 -27.02 -8.66 -2.91
C ASN B 80 -27.75 -10.01 -2.63
N TYR B 81 -29.03 -10.06 -2.96
CA TYR B 81 -29.87 -11.21 -2.61
C TYR B 81 -30.77 -11.75 -3.74
N ASN B 82 -30.71 -11.15 -4.93
CA ASN B 82 -31.67 -11.42 -6.00
C ASN B 82 -33.13 -11.19 -5.54
N GLN B 83 -33.39 -9.97 -5.05
CA GLN B 83 -34.74 -9.54 -4.68
C GLN B 83 -35.09 -8.20 -5.34
N ALA B 84 -36.19 -8.18 -6.08
CA ALA B 84 -36.60 -6.98 -6.83
C ALA B 84 -36.83 -5.76 -5.92
N HIS B 85 -37.35 -5.96 -4.72
CA HIS B 85 -37.64 -4.85 -3.83
C HIS B 85 -36.36 -4.27 -3.22
N LEU B 86 -35.23 -4.96 -3.42
CA LEU B 86 -33.96 -4.56 -2.81
C LEU B 86 -32.89 -4.04 -3.77
N GLU B 87 -32.91 -4.48 -5.02
CA GLU B 87 -31.83 -4.19 -5.93
C GLU B 87 -32.34 -3.95 -7.35
N ASN B 88 -31.68 -3.04 -8.06
CA ASN B 88 -32.01 -2.77 -9.43
C ASN B 88 -31.67 -3.98 -10.30
N GLU B 89 -32.61 -4.38 -11.14
CA GLU B 89 -32.51 -5.62 -11.92
C GLU B 89 -31.39 -5.56 -12.94
N ASN B 90 -31.24 -4.43 -13.62
CA ASN B 90 -30.23 -4.32 -14.67
C ASN B 90 -28.82 -4.25 -14.08
N PHE B 91 -28.72 -3.69 -12.88
CA PHE B 91 -27.46 -3.65 -12.14
C PHE B 91 -26.91 -5.06 -11.97
N VAL B 92 -27.77 -5.97 -11.52
CA VAL B 92 -27.36 -7.35 -11.27
C VAL B 92 -27.05 -8.10 -12.59
N LYS B 93 -27.93 -7.96 -13.57
CA LYS B 93 -27.76 -8.62 -14.84
C LYS B 93 -26.41 -8.26 -15.53
N THR B 94 -25.99 -7.01 -15.44
CA THR B 94 -24.79 -6.56 -16.16
C THR B 94 -23.54 -6.42 -15.30
N PHE B 95 -23.67 -6.76 -14.02
CA PHE B 95 -22.62 -6.54 -13.03
C PHE B 95 -21.20 -6.89 -13.49
N TYR B 96 -21.01 -8.11 -14.03
CA TYR B 96 -19.65 -8.59 -14.33
C TYR B 96 -19.03 -7.88 -15.55
N ASP B 97 -19.86 -7.20 -16.35
CA ASP B 97 -19.36 -6.42 -17.50
C ASP B 97 -19.02 -4.96 -17.16
N TYR B 98 -19.59 -4.44 -16.08
CA TYR B 98 -19.25 -3.11 -15.56
C TYR B 98 -18.15 -3.17 -14.50
N PHE B 99 -18.08 -4.30 -13.77
CA PHE B 99 -17.08 -4.49 -12.69
C PHE B 99 -16.38 -5.86 -12.80
N PRO B 100 -15.53 -6.05 -13.81
CA PRO B 100 -15.01 -7.39 -14.11
C PRO B 100 -14.16 -8.06 -13.04
N ASP B 101 -13.60 -7.29 -12.11
CA ASP B 101 -12.74 -7.85 -11.07
C ASP B 101 -13.46 -8.01 -9.71
N ALA B 102 -14.76 -7.78 -9.68
CA ALA B 102 -15.58 -7.89 -8.49
C ALA B 102 -16.48 -9.13 -8.57
N HIS B 103 -17.17 -9.44 -7.46
CA HIS B 103 -18.13 -10.53 -7.41
C HIS B 103 -19.48 -10.10 -6.84
N LEU B 104 -20.56 -10.70 -7.35
CA LEU B 104 -21.86 -10.60 -6.67
C LEU B 104 -21.81 -11.55 -5.48
N GLY B 105 -22.06 -11.01 -4.29
CA GLY B 105 -22.03 -11.84 -3.08
C GLY B 105 -23.02 -12.99 -3.11
N TYR B 106 -24.13 -12.78 -3.80
CA TYR B 106 -25.15 -13.82 -3.85
C TYR B 106 -24.63 -15.10 -4.53
N ASP B 107 -23.66 -14.97 -5.42
CA ASP B 107 -23.08 -16.14 -6.10
C ASP B 107 -22.49 -17.12 -5.06
N PHE B 108 -22.10 -16.59 -3.90
CA PHE B 108 -21.60 -17.44 -2.81
C PHE B 108 -22.66 -17.71 -1.74
N PHE B 109 -23.39 -16.67 -1.36
CA PHE B 109 -24.52 -16.76 -0.41
C PHE B 109 -25.47 -17.91 -0.78
N LYS B 110 -25.79 -18.02 -2.07
CA LYS B 110 -26.80 -18.98 -2.53
C LYS B 110 -26.34 -20.44 -2.43
N GLN B 111 -25.04 -20.64 -2.22
CA GLN B 111 -24.48 -21.98 -2.00
C GLN B 111 -24.88 -22.60 -0.68
N LEU B 112 -25.27 -21.76 0.26
CA LEU B 112 -25.77 -22.22 1.54
C LEU B 112 -27.27 -22.24 1.41
N LYS B 113 -27.79 -23.30 0.78
CA LYS B 113 -29.23 -23.36 0.51
C LYS B 113 -30.10 -23.17 1.76
N ASP B 114 -29.78 -23.88 2.84
CA ASP B 114 -30.59 -23.77 4.07
C ASP B 114 -30.62 -22.32 4.58
N PHE B 115 -29.48 -21.62 4.56
CA PHE B 115 -29.45 -20.25 5.07
C PHE B 115 -30.14 -19.26 4.14
N ASN B 116 -29.99 -19.47 2.83
CA ASN B 116 -30.70 -18.64 1.86
C ASN B 116 -32.21 -18.78 2.14
N ALA B 117 -32.67 -20.01 2.39
CA ALA B 117 -34.09 -20.21 2.69
C ALA B 117 -34.51 -19.52 4.01
N TYR B 118 -33.63 -19.60 5.01
CA TYR B 118 -33.87 -18.96 6.31
C TYR B 118 -34.00 -17.44 6.13
N PHE B 119 -33.07 -16.84 5.39
CA PHE B 119 -33.07 -15.41 5.15
C PHE B 119 -34.32 -14.92 4.40
N LYS B 120 -34.67 -15.62 3.32
CA LYS B 120 -35.72 -15.13 2.45
C LYS B 120 -37.08 -15.16 3.16
N PHE B 121 -37.30 -16.20 3.95
CA PHE B 121 -38.56 -16.34 4.68
C PHE B 121 -38.72 -15.19 5.68
N HIS B 122 -37.67 -14.91 6.45
CA HIS B 122 -37.73 -13.81 7.44
C HIS B 122 -37.87 -12.42 6.80
N GLU B 123 -37.20 -12.20 5.67
CA GLU B 123 -37.24 -10.90 5.00
C GLU B 123 -38.57 -10.65 4.31
N ILE B 124 -39.02 -11.62 3.53
CA ILE B 124 -40.25 -11.46 2.75
C ILE B 124 -41.50 -11.40 3.64
N TYR B 125 -41.59 -12.31 4.59
CA TYR B 125 -42.84 -12.47 5.33
C TYR B 125 -42.89 -11.72 6.67
N PHE B 126 -41.73 -11.42 7.26
CA PHE B 126 -41.69 -10.82 8.59
C PHE B 126 -40.94 -9.51 8.66
N ASN B 127 -40.45 -9.04 7.52
CA ASN B 127 -39.74 -7.78 7.48
C ASN B 127 -38.58 -7.77 8.47
N GLN B 128 -37.92 -8.92 8.60
CA GLN B 128 -36.73 -9.07 9.45
C GLN B 128 -35.50 -9.38 8.59
N ARG B 129 -34.51 -8.48 8.58
CA ARG B 129 -33.33 -8.57 7.71
C ARG B 129 -32.02 -8.65 8.50
N ILE B 130 -31.14 -9.58 8.13
CA ILE B 130 -29.80 -9.63 8.70
C ILE B 130 -28.99 -8.41 8.24
N THR B 131 -27.94 -8.06 8.99
CA THR B 131 -27.06 -6.95 8.64
C THR B 131 -25.85 -7.42 7.83
N SER B 132 -25.10 -6.46 7.29
CA SER B 132 -23.88 -6.77 6.54
C SER B 132 -22.92 -7.70 7.28
N GLY B 133 -22.79 -7.51 8.59
CA GLY B 133 -21.91 -8.35 9.40
C GLY B 133 -22.21 -9.84 9.28
N VAL B 134 -23.50 -10.18 9.32
CA VAL B 134 -23.91 -11.58 9.23
C VAL B 134 -23.83 -12.09 7.78
N TYR B 135 -24.14 -11.22 6.83
CA TYR B 135 -24.00 -11.55 5.40
C TYR B 135 -22.57 -11.97 5.09
N MET B 136 -21.60 -11.25 5.65
CA MET B 136 -20.19 -11.58 5.48
C MET B 136 -19.84 -12.94 6.11
N CYS B 137 -20.45 -13.26 7.24
CA CYS B 137 -20.27 -14.59 7.84
C CYS B 137 -20.72 -15.73 6.91
N ALA B 138 -21.89 -15.54 6.29
CA ALA B 138 -22.41 -16.53 5.33
C ALA B 138 -21.47 -16.74 4.14
N VAL B 139 -20.98 -15.64 3.56
CA VAL B 139 -20.05 -15.74 2.41
C VAL B 139 -18.75 -16.42 2.86
N ALA B 140 -18.27 -16.09 4.06
CA ALA B 140 -17.07 -16.75 4.61
C ALA B 140 -17.22 -18.28 4.67
N ILE B 141 -18.34 -18.75 5.19
CA ILE B 141 -18.63 -20.18 5.26
C ILE B 141 -18.67 -20.83 3.86
N ALA B 142 -19.29 -20.15 2.89
CA ALA B 142 -19.40 -20.68 1.54
C ALA B 142 -18.03 -20.81 0.89
N LEU B 143 -17.11 -19.92 1.27
CA LEU B 143 -15.74 -19.93 0.76
C LEU B 143 -14.84 -20.94 1.47
N GLY B 144 -15.32 -21.56 2.55
CA GLY B 144 -14.58 -22.62 3.20
C GLY B 144 -13.85 -22.31 4.52
N TYR B 145 -14.08 -21.11 5.07
CA TYR B 145 -13.54 -20.79 6.40
C TYR B 145 -14.25 -21.61 7.49
N LYS B 146 -13.52 -21.98 8.54
CA LYS B 146 -14.04 -22.84 9.61
C LYS B 146 -14.06 -22.16 10.98
N GLU B 147 -13.24 -21.13 11.17
CA GLU B 147 -13.21 -20.37 12.42
C GLU B 147 -13.35 -18.88 12.13
N ILE B 148 -14.43 -18.29 12.64
CA ILE B 148 -14.75 -16.88 12.41
C ILE B 148 -14.62 -16.07 13.69
N TYR B 149 -13.80 -15.02 13.65
CA TYR B 149 -13.63 -14.11 14.78
C TYR B 149 -14.33 -12.78 14.50
N LEU B 150 -15.26 -12.39 15.37
CA LEU B 150 -16.10 -11.21 15.13
C LEU B 150 -15.69 -9.99 15.93
N SER B 151 -15.81 -8.82 15.30
CA SER B 151 -15.63 -7.53 15.96
C SER B 151 -16.55 -6.49 15.32
N GLY B 152 -16.84 -5.41 16.04
CA GLY B 152 -17.59 -4.28 15.48
C GLY B 152 -19.08 -4.52 15.29
N ILE B 153 -19.59 -5.55 15.95
CA ILE B 153 -21.01 -5.88 15.87
C ILE B 153 -21.66 -5.59 17.21
N ASP B 154 -22.54 -4.59 17.22
CA ASP B 154 -23.06 -4.01 18.46
C ASP B 154 -24.57 -3.81 18.39
N PHE B 155 -25.19 -4.27 17.31
CA PHE B 155 -26.64 -4.29 17.18
C PHE B 155 -27.27 -2.89 17.27
N TYR B 156 -26.50 -1.86 16.95
CA TYR B 156 -27.01 -0.48 16.97
C TYR B 156 -27.63 -0.11 18.32
N GLN B 157 -27.12 -0.69 19.40
CA GLN B 157 -27.67 -0.46 20.73
C GLN B 157 -26.62 0.12 21.67
N SER B 161 -24.95 4.36 15.84
CA SER B 161 -23.64 4.95 16.06
C SER B 161 -22.55 4.04 15.50
N TYR B 162 -21.38 4.61 15.26
CA TYR B 162 -20.30 3.88 14.61
C TYR B 162 -19.00 4.12 15.35
N ALA B 163 -17.94 3.42 14.93
CA ALA B 163 -16.63 3.62 15.50
C ALA B 163 -16.01 4.92 14.97
N PHE B 164 -16.82 5.76 14.34
CA PHE B 164 -16.35 6.99 13.71
C PHE B 164 -17.54 7.92 13.46
N ASP B 165 -17.26 9.14 13.01
CA ASP B 165 -18.31 10.09 12.63
C ASP B 165 -18.71 9.86 11.16
N THR B 166 -19.92 9.34 10.94
CA THR B 166 -20.35 9.01 9.58
C THR B 166 -21.10 10.14 8.90
N LYS B 167 -21.36 11.22 9.62
CA LYS B 167 -22.07 12.36 9.07
C LYS B 167 -21.13 13.22 8.23
N GLN B 168 -20.73 12.69 7.08
CA GLN B 168 -19.83 13.39 6.18
C GLN B 168 -20.60 13.93 4.97
N LYS B 169 -20.11 15.04 4.42
CA LYS B 169 -20.80 15.79 3.37
C LYS B 169 -21.26 14.93 2.19
N ASN B 170 -20.34 14.18 1.60
CA ASN B 170 -20.65 13.39 0.40
C ASN B 170 -21.64 12.27 0.72
N LEU B 171 -21.41 11.57 1.82
CA LEU B 171 -22.28 10.46 2.22
C LEU B 171 -23.71 10.95 2.40
N LEU B 172 -23.86 12.08 3.09
CA LEU B 172 -25.19 12.63 3.38
C LEU B 172 -25.93 13.04 2.12
N LYS B 173 -25.21 13.55 1.14
CA LYS B 173 -25.80 13.95 -0.12
C LYS B 173 -26.32 12.72 -0.89
N LEU B 174 -25.64 11.59 -0.74
CA LEU B 174 -26.04 10.35 -1.39
C LEU B 174 -27.04 9.55 -0.55
N ALA B 175 -26.93 9.66 0.76
CA ALA B 175 -27.78 8.90 1.67
C ALA B 175 -28.06 9.69 2.95
N PRO B 176 -29.17 10.45 2.96
CA PRO B 176 -29.66 11.17 4.14
C PRO B 176 -29.90 10.23 5.33
N ASN B 177 -29.57 10.69 6.52
CA ASN B 177 -29.65 9.83 7.71
C ASN B 177 -29.39 10.62 9.00
N SER B 189 -32.36 -6.31 13.80
CA SER B 189 -32.39 -6.25 15.25
C SER B 189 -31.24 -7.05 15.87
N LYS B 190 -31.18 -7.04 17.19
CA LYS B 190 -30.20 -7.85 17.93
C LYS B 190 -30.60 -9.31 17.83
N ASN B 191 -31.88 -9.59 18.12
CA ASN B 191 -32.40 -10.96 18.06
C ASN B 191 -32.19 -11.57 16.69
N THR B 192 -32.45 -10.80 15.63
CA THR B 192 -32.34 -11.32 14.25
C THR B 192 -30.90 -11.69 13.89
N ASP B 193 -29.96 -10.78 14.10
CA ASP B 193 -28.57 -11.11 13.82
C ASP B 193 -28.14 -12.29 14.69
N ILE B 194 -28.52 -12.29 15.97
CA ILE B 194 -28.12 -13.37 16.87
C ILE B 194 -28.72 -14.71 16.47
N LYS B 195 -30.01 -14.72 16.14
CA LYS B 195 -30.66 -15.96 15.72
C LYS B 195 -30.04 -16.49 14.41
N ALA B 196 -29.68 -15.57 13.52
CA ALA B 196 -29.05 -15.96 12.26
C ALA B 196 -27.66 -16.58 12.47
N LEU B 197 -26.89 -16.04 13.41
CA LEU B 197 -25.55 -16.58 13.68
C LEU B 197 -25.64 -17.98 14.28
N GLU B 198 -26.61 -18.19 15.16
CA GLU B 198 -26.79 -19.50 15.77
C GLU B 198 -27.27 -20.55 14.75
N PHE B 199 -28.09 -20.13 13.80
CA PHE B 199 -28.52 -21.03 12.71
C PHE B 199 -27.29 -21.47 11.91
N LEU B 200 -26.39 -20.54 11.61
CA LEU B 200 -25.16 -20.87 10.88
C LEU B 200 -24.25 -21.83 11.65
N GLU B 201 -24.08 -21.60 12.96
CA GLU B 201 -23.29 -22.49 13.79
C GLU B 201 -23.90 -23.89 13.81
N LYS B 202 -25.20 -23.95 14.05
CA LYS B 202 -25.93 -25.22 14.06
C LYS B 202 -25.74 -25.93 12.71
N THR B 203 -26.07 -25.23 11.63
CA THR B 203 -26.23 -25.89 10.33
C THR B 203 -24.90 -26.25 9.67
N TYR B 204 -23.90 -25.38 9.76
CA TYR B 204 -22.65 -25.61 9.06
C TYR B 204 -21.49 -25.98 9.97
N LYS B 205 -21.76 -26.05 11.28
CA LYS B 205 -20.77 -26.52 12.26
C LYS B 205 -19.47 -25.72 12.22
N ILE B 206 -19.58 -24.41 12.15
CA ILE B 206 -18.39 -23.58 12.18
C ILE B 206 -18.28 -22.98 13.58
N LYS B 207 -17.09 -22.50 13.92
CA LYS B 207 -16.84 -21.93 15.24
C LYS B 207 -16.83 -20.40 15.16
N LEU B 208 -17.63 -19.77 16.01
CA LEU B 208 -17.68 -18.31 16.10
C LEU B 208 -17.00 -17.88 17.40
N TYR B 209 -16.21 -16.81 17.32
CA TYR B 209 -15.54 -16.25 18.52
C TYR B 209 -15.72 -14.75 18.56
N CYS B 210 -15.69 -14.21 19.76
CA CYS B 210 -15.85 -12.78 19.96
C CYS B 210 -14.51 -12.17 20.39
N LEU B 211 -14.09 -11.11 19.70
CA LEU B 211 -12.82 -10.46 20.00
C LEU B 211 -12.98 -9.26 20.93
N CYS B 212 -14.22 -8.90 21.25
CA CYS B 212 -14.51 -7.68 22.00
C CYS B 212 -15.28 -7.98 23.31
N PRO B 213 -14.54 -8.14 24.42
CA PRO B 213 -15.06 -8.56 25.73
C PRO B 213 -16.12 -7.66 26.34
N ASN B 214 -16.16 -6.39 25.94
CA ASN B 214 -17.12 -5.46 26.51
C ASN B 214 -18.33 -5.24 25.62
N SER B 215 -18.39 -5.99 24.53
CA SER B 215 -19.47 -5.85 23.55
C SER B 215 -20.69 -6.68 23.99
N LEU B 216 -21.88 -6.24 23.59
CA LEU B 216 -23.10 -7.05 23.79
C LEU B 216 -22.95 -8.44 23.17
N LEU B 217 -22.14 -8.55 22.12
CA LEU B 217 -21.97 -9.83 21.42
C LEU B 217 -21.39 -10.89 22.35
N ALA B 218 -20.60 -10.44 23.32
CA ALA B 218 -19.92 -11.33 24.26
C ALA B 218 -20.89 -12.07 25.17
N ASN B 219 -22.13 -11.57 25.21
CA ASN B 219 -23.17 -12.20 26.00
C ASN B 219 -23.73 -13.44 25.31
N PHE B 220 -23.46 -13.58 24.01
CA PHE B 220 -24.09 -14.62 23.20
C PHE B 220 -23.14 -15.63 22.59
N ILE B 221 -21.89 -15.24 22.36
CA ILE B 221 -20.91 -16.21 21.83
C ILE B 221 -19.64 -16.21 22.65
N GLY B 222 -18.91 -17.31 22.62
CA GLY B 222 -17.71 -17.45 23.44
C GLY B 222 -16.59 -16.53 23.00
N LEU B 223 -15.79 -16.09 23.97
CA LEU B 223 -14.61 -15.26 23.71
C LEU B 223 -13.55 -16.04 22.96
N ALA B 224 -12.88 -15.38 22.02
CA ALA B 224 -11.66 -15.95 21.47
C ALA B 224 -10.67 -16.12 22.62
N PRO B 225 -10.00 -17.28 22.68
CA PRO B 225 -9.06 -17.56 23.76
C PRO B 225 -7.89 -16.57 23.81
N ASN B 226 -7.29 -16.42 24.98
CA ASN B 226 -6.12 -15.58 25.13
C ASN B 226 -4.88 -16.31 24.64
N LEU B 227 -4.17 -15.73 23.69
CA LEU B 227 -2.94 -16.32 23.19
C LEU B 227 -1.74 -15.48 23.53
N ASN B 228 -1.94 -14.42 24.32
CA ASN B 228 -0.89 -13.45 24.61
C ASN B 228 -0.28 -12.90 23.32
N SER B 229 -1.12 -12.70 22.31
CA SER B 229 -0.64 -12.18 21.04
C SER B 229 -0.35 -10.69 21.19
N ASN B 230 0.42 -10.14 20.26
CA ASN B 230 0.67 -8.71 20.23
C ASN B 230 0.23 -8.13 18.89
N PHE B 231 -0.08 -6.84 18.88
CA PHE B 231 -0.51 -6.15 17.67
C PHE B 231 -0.23 -4.66 17.85
N ILE B 232 0.17 -4.00 16.78
CA ILE B 232 0.44 -2.57 16.81
C ILE B 232 -0.60 -1.85 15.97
N ILE B 233 -1.36 -0.96 16.60
CA ILE B 233 -2.34 -0.16 15.89
C ILE B 233 -1.66 1.05 15.26
N GLN B 234 -1.47 1.00 13.94
CA GLN B 234 -0.84 2.11 13.24
C GLN B 234 -1.86 3.24 13.05
N GLU B 235 -1.40 4.48 13.23
CA GLU B 235 -2.28 5.64 13.16
C GLU B 235 -2.56 6.02 11.70
N LYS B 236 -3.67 6.72 11.49
CA LYS B 236 -4.00 7.28 10.18
C LYS B 236 -4.01 8.80 10.31
N ASN B 237 -3.55 9.51 9.28
CA ASN B 237 -3.31 10.95 9.44
C ASN B 237 -4.09 11.85 8.47
N ASN B 238 -3.69 11.86 7.20
CA ASN B 238 -4.43 12.58 6.18
C ASN B 238 -5.08 11.58 5.28
N TYR B 239 -6.25 11.09 5.67
CA TYR B 239 -6.84 9.95 5.01
C TYR B 239 -8.21 10.25 4.42
N THR B 240 -8.68 9.34 3.57
CA THR B 240 -9.98 9.45 2.95
C THR B 240 -11.05 9.06 3.96
N LYS B 241 -11.88 10.03 4.33
CA LYS B 241 -12.82 9.85 5.44
C LYS B 241 -14.24 10.19 4.99
N ASP B 242 -14.44 10.16 3.68
CA ASP B 242 -15.75 10.40 3.08
C ASP B 242 -15.80 9.64 1.75
N ILE B 243 -17.00 9.27 1.31
CA ILE B 243 -17.17 8.64 0.01
C ILE B 243 -16.97 9.66 -1.11
N LEU B 244 -16.48 9.19 -2.25
CA LEU B 244 -16.25 10.04 -3.41
C LEU B 244 -17.39 9.92 -4.44
N ILE B 245 -17.68 11.02 -5.12
CA ILE B 245 -18.78 11.10 -6.05
C ILE B 245 -18.27 11.20 -7.49
N PRO B 246 -18.64 10.21 -8.33
CA PRO B 246 -18.23 10.21 -9.72
C PRO B 246 -18.77 11.41 -10.52
N SER B 247 -18.14 11.68 -11.65
CA SER B 247 -18.53 12.78 -12.54
C SER B 247 -19.95 12.60 -13.07
N SER B 248 -20.48 13.68 -13.62
CA SER B 248 -21.79 13.64 -14.24
C SER B 248 -21.79 12.76 -15.48
N GLU B 249 -20.67 12.73 -16.19
CA GLU B 249 -20.54 11.87 -17.37
C GLU B 249 -20.65 10.40 -16.97
N ALA B 250 -20.02 10.05 -15.84
CA ALA B 250 -20.03 8.68 -15.33
C ALA B 250 -21.44 8.26 -14.93
N TYR B 251 -22.14 9.12 -14.18
CA TYR B 251 -23.53 8.86 -13.83
C TYR B 251 -24.39 8.64 -15.08
N GLY B 252 -24.18 9.48 -16.10
CA GLY B 252 -24.92 9.31 -17.34
C GLY B 252 -24.72 7.92 -17.93
N LYS B 253 -23.47 7.49 -18.02
CA LYS B 253 -23.19 6.17 -18.55
C LYS B 253 -23.84 5.06 -17.74
N PHE B 254 -23.98 5.23 -16.43
CA PHE B 254 -24.47 4.15 -15.56
C PHE B 254 -25.97 4.26 -15.24
N SER B 255 -26.64 5.28 -15.76
CA SER B 255 -27.99 5.61 -15.28
C SER B 255 -29.01 4.46 -15.38
N LYS B 256 -28.87 3.59 -16.39
CA LYS B 256 -29.72 2.41 -16.52
C LYS B 256 -29.75 1.56 -15.23
N ASN B 257 -28.62 1.53 -14.53
CA ASN B 257 -28.43 0.60 -13.42
C ASN B 257 -28.66 1.19 -12.04
N ILE B 258 -29.17 2.43 -11.98
CA ILE B 258 -29.39 3.09 -10.69
C ILE B 258 -30.88 3.29 -10.40
C1 NGA C . 9.74 20.21 -15.47
C2 NGA C . 11.21 19.84 -15.24
C3 NGA C . 11.84 20.76 -14.17
C4 NGA C . 11.50 22.23 -14.49
C5 NGA C . 10.01 22.44 -14.83
C6 NGA C . 9.81 23.86 -15.36
C7 NGA C . 12.06 17.55 -15.47
C8 NGA C . 12.10 16.14 -14.87
N2 NGA C . 11.33 18.45 -14.81
O1 NGA C . 9.20 19.38 -16.50
O3 NGA C . 13.29 20.52 -14.13
O4 NGA C . 12.28 22.70 -15.60
O5 NGA C . 9.62 21.57 -15.90
O6 NGA C . 9.71 24.81 -14.58
O7 NGA C . 12.70 17.82 -16.49
C1 GAL C . 13.77 20.26 -12.81
C2 GAL C . 15.05 19.41 -12.91
C3 GAL C . 15.77 19.30 -11.55
C4 GAL C . 15.92 20.69 -10.91
C5 GAL C . 14.57 21.45 -10.93
C6 GAL C . 14.69 22.92 -10.46
O2 GAL C . 14.75 18.10 -13.38
O3 GAL C . 17.07 18.74 -11.81
O4 GAL C . 16.91 21.43 -11.63
O5 GAL C . 14.05 21.56 -12.25
O6 GAL C . 15.43 22.97 -9.25
C1 SIA C . 17.05 17.58 -9.63
C2 SIA C . 17.33 17.49 -11.15
C3 SIA C . 18.82 17.16 -11.46
C4 SIA C . 19.16 15.71 -11.11
C5 SIA C . 18.11 14.75 -11.72
C6 SIA C . 16.71 15.18 -11.27
C7 SIA C . 15.71 14.16 -11.83
C8 SIA C . 14.28 14.33 -11.26
C9 SIA C . 13.26 14.66 -12.34
C10 SIA C . 18.66 12.38 -12.06
C11 SIA C . 19.00 11.10 -11.29
N5 SIA C . 18.38 13.40 -11.24
O1A SIA C . 17.92 18.06 -8.88
O1B SIA C . 15.91 17.16 -9.25
O4 SIA C . 20.48 15.36 -11.55
O6 SIA C . 16.45 16.51 -11.73
O7 SIA C . 15.72 14.15 -13.28
O8 SIA C . 14.20 15.29 -10.20
O9 SIA C . 12.00 14.23 -11.83
O10 SIA C . 18.67 12.42 -13.29
C1 NGA D . -36.53 2.75 4.60
C2 NGA D . -35.97 1.50 3.91
C3 NGA D . -35.39 1.85 2.55
C4 NGA D . -36.46 2.55 1.71
C5 NGA D . -37.11 3.70 2.48
C6 NGA D . -38.35 4.14 1.69
C7 NGA D . -34.92 -0.36 5.09
C8 NGA D . -33.73 -0.83 5.93
N2 NGA D . -34.89 0.91 4.72
O1 NGA D . -37.16 2.40 5.85
O3 NGA D . -34.98 0.62 1.94
O4 NGA D . -37.47 1.60 1.34
O5 NGA D . -37.55 3.35 3.80
O6 NGA D . -38.28 5.05 0.86
O7 NGA D . -35.82 -1.14 4.80
C1 GAL D . -33.73 0.79 1.25
C2 GAL D . -33.19 -0.62 0.96
C3 GAL D . -31.87 -0.58 0.18
C4 GAL D . -32.16 0.23 -1.08
C5 GAL D . -32.81 1.60 -0.77
C6 GAL D . -33.32 2.28 -2.03
O2 GAL D . -33.01 -1.33 2.19
O3 GAL D . -31.52 -1.94 -0.17
O4 GAL D . -33.02 -0.54 -1.93
O5 GAL D . -33.99 1.48 0.04
O6 GAL D . -32.24 2.42 -2.96
C1 SIA D . -29.10 -1.45 -0.10
C2 SIA D . -30.25 -2.40 0.35
C3 SIA D . -30.04 -3.83 -0.24
C4 SIA D . -28.90 -4.57 0.48
C5 SIA D . -29.06 -4.50 2.01
C6 SIA D . -29.15 -3.02 2.44
C7 SIA D . -29.19 -2.95 3.98
C8 SIA D . -28.94 -1.52 4.52
C9 SIA D . -29.68 -1.27 5.84
C10 SIA D . -27.90 -6.15 3.46
C11 SIA D . -26.50 -6.62 3.88
N5 SIA D . -27.88 -5.12 2.62
O1A SIA D . -28.58 -1.64 -1.23
O1B SIA D . -28.77 -0.55 0.70
O4 SIA D . -28.81 -5.94 0.05
O6 SIA D . -30.30 -2.45 1.81
O7 SIA D . -30.41 -3.48 4.49
O8 SIA D . -29.33 -0.56 3.54
O9 SIA D . -29.85 0.12 6.04
O10 SIA D . -28.92 -6.70 3.88
C ACT E . 35.14 5.34 -2.01
O ACT E . 35.46 4.28 -1.43
OXT ACT E . 33.94 5.66 -1.90
CH3 ACT E . 36.13 6.17 -2.77
C1 MPD F . 28.68 13.69 12.97
C2 MPD F . 28.39 13.62 11.47
O2 MPD F . 27.44 12.55 11.19
CM MPD F . 27.81 14.94 10.97
C3 MPD F . 29.70 13.33 10.76
C4 MPD F . 30.40 12.09 11.35
O4 MPD F . 31.74 12.42 11.63
C5 MPD F . 29.72 11.61 12.62
OP3 CH G . 13.18 9.47 -8.65
P CH G . 11.90 9.08 -7.74
OP1 CH G . 10.61 9.45 -8.37
OP2 CH G . 12.05 9.84 -6.35
O5' CH G . 12.03 7.47 -7.45
C5' CH G . 13.25 6.79 -7.30
C4' CH G . 13.50 5.85 -8.50
O4' CH G . 12.52 4.79 -8.44
C3' CH G . 13.13 6.57 -9.80
O3' CH G . 14.21 7.42 -10.23
C2' CH G . 12.99 5.38 -10.73
O2' CH G . 14.24 4.75 -10.97
C1' CH G . 12.20 4.44 -9.82
N1 CH G . 10.72 4.48 -9.93
C2 CH G . 10.14 3.75 -10.96
O2 CH G . 10.83 3.14 -11.77
N3 CH G . 8.75 3.72 -11.06
C4 CH G . 7.95 4.42 -10.15
N4 CH G . 6.62 4.35 -10.31
C5 CH G . 8.54 5.17 -9.13
C6 CH G . 9.94 5.19 -9.01
C ACT H . 35.54 -0.56 -14.50
O ACT H . 34.39 -0.79 -14.95
OXT ACT H . 35.81 0.63 -14.25
CH3 ACT H . 36.53 -1.66 -14.27
C1 EDO I . 33.94 -3.19 -4.13
O1 EDO I . 33.19 -4.02 -5.02
C2 EDO I . 33.14 -2.90 -2.87
O2 EDO I . 33.11 -1.50 -2.60
OP3 CH J . -23.06 0.45 7.19
P CH J . -23.55 -0.53 8.34
OP1 CH J . -24.39 -1.64 7.79
OP2 CH J . -24.36 0.36 9.40
O5' CH J . -22.17 -1.05 8.91
C5' CH J . -22.07 -1.64 10.11
C4' CH J . -22.18 -3.13 9.99
O4' CH J . -21.55 -3.34 11.26
C3' CH J . -23.69 -3.36 10.15
O3' CH J . -24.28 -3.93 8.97
C2' CH J . -23.75 -4.31 11.33
O2' CH J . -23.36 -5.64 10.97
C1' CH J . -22.62 -3.74 12.18
N1 CH J . -22.96 -2.60 13.08
C2 CH J . -23.45 -2.94 14.34
O2 CH J . -23.59 -4.13 14.62
N3 CH J . -23.76 -1.93 15.25
C4 CH J . -23.59 -0.58 14.90
N4 CH J . -23.90 0.37 15.79
C5 CH J . -23.10 -0.25 13.63
C6 CH J . -22.78 -1.26 12.72
C1 EDO K . -7.21 -2.56 -11.55
O1 EDO K . -6.75 -3.75 -12.18
C2 EDO K . -7.68 -1.57 -12.61
O2 EDO K . -9.05 -1.25 -12.39
C ACT L . -12.72 -16.98 -5.67
O ACT L . -13.18 -18.13 -5.56
OXT ACT L . -13.46 -16.05 -5.27
CH3 ACT L . -11.36 -16.72 -6.26
#